data_7CN7
#
_entry.id   7CN7
#
_cell.length_a   46.720
_cell.length_b   69.180
_cell.length_c   83.820
_cell.angle_alpha   90.000
_cell.angle_beta   90.000
_cell.angle_gamma   90.000
#
_symmetry.space_group_name_H-M   'P 21 21 21'
#
loop_
_entity.id
_entity.type
_entity.pdbx_description
1 polymer 'Baseplate central spike complex protein gp5'
2 polymer 'Protein spackle'
3 non-polymer 2-(2-{2-[2-(2-METHOXY-ETHOXY)-ETHOXY]-ETHOXY}-ETHOXY)-ETHANOL
4 non-polymer 1,2-ETHANEDIOL
5 non-polymer 'SODIUM ION'
6 non-polymer 'CHLORIDE ION'
7 water water
#
loop_
_entity_poly.entity_id
_entity_poly.type
_entity_poly.pdbx_seq_one_letter_code
_entity_poly.pdbx_strand_id
1 'polypeptide(L)'
;PLSEIPTDDNPNMSMAEMLRRDEGLRLKVYWDTEGYPTIGIGHLIMKQPVRDMAQINKVLSKQVGREITGNPGSITMEEA
TTLFERDLADMQRDIKSHSKVGPVWQAVNRSRQMALENMAFQMGVGGVAKFNTMLTAMLAGDWEKAYKAGRDSLWYQQTK
GRASRVTMIILTGNLESYGVE
;
A
2 'polypeptide(L)' GYDKDLCEWSMTADQTEVETQIEADIMNIVKRDRPEMKAEVQKQLKSGGVMQYNYVLYCDKNFNNKNIIAEVVGE C
#
loop_
_chem_comp.id
_chem_comp.type
_chem_comp.name
_chem_comp.formula
1PG non-polymer 2-(2-{2-[2-(2-METHOXY-ETHOXY)-ETHOXY]-ETHOXY}-ETHOXY)-ETHANOL 'C11 H24 O6'
CL non-polymer 'CHLORIDE ION' 'Cl -1'
EDO non-polymer 1,2-ETHANEDIOL 'C2 H6 O2'
NA non-polymer 'SODIUM ION' 'Na 1'
#
# COMPACT_ATOMS: atom_id res chain seq x y z
N GLU A 4 6.81 -7.68 28.30
CA GLU A 4 5.74 -7.14 27.47
C GLU A 4 6.00 -7.58 26.01
N ILE A 5 5.40 -6.87 25.06
CA ILE A 5 5.62 -7.17 23.65
C ILE A 5 6.97 -6.63 23.23
N PRO A 6 7.85 -7.44 22.63
CA PRO A 6 9.17 -6.94 22.24
C PRO A 6 9.10 -5.99 21.05
N THR A 7 9.98 -5.00 21.07
CA THR A 7 10.16 -4.12 19.94
C THR A 7 11.22 -4.68 19.00
N ASP A 8 11.21 -4.20 17.77
CA ASP A 8 12.20 -4.62 16.77
C ASP A 8 12.91 -3.36 16.28
N ASP A 9 14.12 -3.16 16.77
CA ASP A 9 14.89 -1.98 16.42
C ASP A 9 15.63 -2.14 15.11
N ASN A 10 15.64 -3.32 14.53
CA ASN A 10 16.32 -3.57 13.26
C ASN A 10 15.52 -4.57 12.45
N PRO A 11 14.32 -4.19 12.04
CA PRO A 11 13.42 -5.17 11.44
C PRO A 11 13.93 -5.66 10.10
N ASN A 12 13.77 -6.96 9.87
CA ASN A 12 14.23 -7.58 8.62
C ASN A 12 13.17 -7.42 7.52
N MET A 13 12.96 -6.17 7.13
CA MET A 13 12.10 -5.83 6.01
C MET A 13 12.54 -4.48 5.52
N SER A 14 12.63 -4.33 4.20
CA SER A 14 12.92 -3.06 3.57
C SER A 14 11.63 -2.32 3.24
N MET A 15 11.75 -1.02 3.01
CA MET A 15 10.60 -0.28 2.52
C MET A 15 10.17 -0.74 1.14
N ALA A 16 11.11 -1.18 0.29
CA ALA A 16 10.71 -1.73 -1.01
C ALA A 16 9.80 -2.92 -0.83
N GLU A 17 10.15 -3.82 0.08
CA GLU A 17 9.31 -4.99 0.34
CA GLU A 17 9.32 -4.98 0.35
C GLU A 17 7.97 -4.56 0.93
N MET A 18 7.99 -3.66 1.89
CA MET A 18 6.75 -3.24 2.55
C MET A 18 5.81 -2.57 1.56
N LEU A 19 6.35 -1.75 0.67
CA LEU A 19 5.53 -0.99 -0.25
C LEU A 19 5.13 -1.79 -1.49
N ARG A 20 5.95 -2.73 -1.97
CA ARG A 20 5.43 -3.65 -2.98
C ARG A 20 4.18 -4.36 -2.45
N ARG A 21 4.24 -4.79 -1.19
CA ARG A 21 3.11 -5.45 -0.57
C ARG A 21 1.89 -4.53 -0.47
N ASP A 22 2.07 -3.30 0.02
CA ASP A 22 0.92 -2.45 0.29
C ASP A 22 0.43 -1.69 -0.93
N GLU A 23 1.31 -1.39 -1.88
CA GLU A 23 0.96 -0.60 -3.05
C GLU A 23 0.75 -1.43 -4.30
N GLY A 24 1.19 -2.68 -4.31
CA GLY A 24 1.17 -3.49 -5.51
C GLY A 24 2.25 -3.09 -6.48
N LEU A 25 2.20 -3.72 -7.66
CA LEU A 25 3.26 -3.58 -8.65
CA LEU A 25 3.26 -3.58 -8.65
C LEU A 25 2.62 -3.60 -10.03
N ARG A 26 2.65 -2.47 -10.72
CA ARG A 26 2.10 -2.35 -12.05
C ARG A 26 3.18 -1.92 -13.03
N LEU A 27 3.17 -2.54 -14.21
CA LEU A 27 4.04 -2.15 -15.31
C LEU A 27 3.28 -1.45 -16.41
N LYS A 28 1.98 -1.30 -16.28
CA LYS A 28 1.20 -0.43 -17.14
C LYS A 28 0.31 0.46 -16.28
N VAL A 29 -0.05 1.60 -16.83
CA VAL A 29 -0.82 2.62 -16.11
C VAL A 29 -2.11 2.02 -15.57
N TYR A 30 -2.48 2.49 -14.40
CA TYR A 30 -3.79 2.29 -13.81
C TYR A 30 -4.16 3.58 -13.09
N TRP A 31 -5.37 3.64 -12.57
CA TRP A 31 -5.84 4.81 -11.84
C TRP A 31 -6.14 4.44 -10.39
N ASP A 32 -5.69 5.30 -9.48
CA ASP A 32 -5.89 5.08 -8.06
C ASP A 32 -7.33 5.44 -7.67
N THR A 33 -7.64 5.33 -6.38
CA THR A 33 -9.04 5.51 -5.98
C THR A 33 -9.48 6.96 -6.07
N GLU A 34 -8.55 7.90 -6.23
CA GLU A 34 -8.88 9.29 -6.49
C GLU A 34 -8.90 9.61 -7.99
N GLY A 35 -8.67 8.62 -8.84
CA GLY A 35 -8.68 8.83 -10.26
C GLY A 35 -7.37 9.30 -10.84
N TYR A 36 -6.25 9.18 -10.11
CA TYR A 36 -4.98 9.70 -10.60
C TYR A 36 -4.18 8.61 -11.27
N PRO A 37 -3.58 8.90 -12.42
CA PRO A 37 -2.79 7.89 -13.14
C PRO A 37 -1.54 7.53 -12.35
N THR A 38 -1.32 6.23 -12.22
CA THR A 38 -0.33 5.63 -11.35
C THR A 38 0.33 4.48 -12.10
N ILE A 39 1.56 4.15 -11.71
CA ILE A 39 2.26 3.00 -12.27
C ILE A 39 3.30 2.54 -11.26
N GLY A 40 3.96 1.42 -11.53
CA GLY A 40 5.02 0.97 -10.66
C GLY A 40 4.50 0.58 -9.29
N ILE A 41 5.25 0.98 -8.26
CA ILE A 41 4.94 0.74 -6.86
CA ILE A 41 4.91 0.75 -6.87
C ILE A 41 4.40 2.08 -6.33
N GLY A 42 3.13 2.35 -6.55
CA GLY A 42 2.53 3.58 -6.10
C GLY A 42 3.13 4.85 -6.66
N HIS A 43 3.68 4.83 -7.86
CA HIS A 43 4.22 6.03 -8.46
C HIS A 43 3.10 6.85 -9.09
N LEU A 44 2.84 8.00 -8.52
CA LEU A 44 1.87 8.95 -9.04
C LEU A 44 2.46 9.65 -10.25
N ILE A 45 1.81 9.54 -11.41
CA ILE A 45 2.36 10.15 -12.61
C ILE A 45 1.99 11.63 -12.69
N MET A 46 0.74 11.95 -12.37
CA MET A 46 0.20 13.31 -12.39
C MET A 46 -0.76 13.41 -11.22
N LYS A 47 -0.77 14.55 -10.54
CA LYS A 47 -1.73 14.77 -9.46
C LYS A 47 -2.98 15.48 -9.99
N GLN A 48 -3.48 14.97 -11.10
CA GLN A 48 -4.72 15.40 -11.71
C GLN A 48 -5.40 14.16 -12.26
N PRO A 49 -6.72 14.13 -12.28
CA PRO A 49 -7.43 12.91 -12.73
C PRO A 49 -7.52 12.80 -14.25
N VAL A 50 -6.35 12.74 -14.87
CA VAL A 50 -6.24 12.68 -16.32
C VAL A 50 -6.38 11.23 -16.76
N ARG A 51 -7.21 11.02 -17.80
CA ARG A 51 -7.39 9.73 -18.44
C ARG A 51 -6.79 9.65 -19.83
N ASP A 52 -6.42 10.77 -20.43
CA ASP A 52 -5.87 10.83 -21.78
C ASP A 52 -4.48 10.21 -21.77
N MET A 53 -4.35 9.04 -22.41
CA MET A 53 -3.09 8.32 -22.36
C MET A 53 -1.98 9.01 -23.13
N ALA A 54 -2.29 9.75 -24.20
CA ALA A 54 -1.23 10.46 -24.89
C ALA A 54 -0.56 11.44 -23.93
N GLN A 55 -1.37 12.14 -23.14
CA GLN A 55 -0.85 13.10 -22.16
C GLN A 55 -0.10 12.39 -21.04
N ILE A 56 -0.69 11.32 -20.48
CA ILE A 56 -0.03 10.57 -19.42
C ILE A 56 1.32 10.06 -19.90
N ASN A 57 1.36 9.48 -21.09
CA ASN A 57 2.59 8.90 -21.59
C ASN A 57 3.66 9.96 -21.82
N LYS A 58 3.27 11.16 -22.27
CA LYS A 58 4.26 12.22 -22.45
C LYS A 58 4.90 12.61 -21.13
N VAL A 59 4.09 12.70 -20.07
CA VAL A 59 4.64 13.04 -18.75
C VAL A 59 5.51 11.90 -18.25
N LEU A 60 5.00 10.68 -18.34
CA LEU A 60 5.75 9.52 -17.85
C LEU A 60 7.07 9.36 -18.60
N SER A 61 7.09 9.69 -19.90
CA SER A 61 8.32 9.60 -20.67
C SER A 61 9.42 10.46 -20.07
N LYS A 62 9.07 11.67 -19.64
CA LYS A 62 10.05 12.54 -19.01
CA LYS A 62 10.04 12.56 -19.00
C LYS A 62 10.53 11.97 -17.69
N GLN A 63 9.61 11.40 -16.91
CA GLN A 63 9.97 10.83 -15.62
C GLN A 63 10.87 9.62 -15.76
N VAL A 64 10.57 8.77 -16.74
CA VAL A 64 11.31 7.53 -16.95
C VAL A 64 12.59 7.77 -17.73
N GLY A 65 12.58 8.69 -18.69
CA GLY A 65 13.73 9.01 -19.50
C GLY A 65 13.74 8.44 -20.89
N ARG A 66 12.66 7.78 -21.32
CA ARG A 66 12.55 7.29 -22.68
C ARG A 66 11.08 7.30 -23.06
N GLU A 67 10.80 7.19 -24.35
CA GLU A 67 9.44 7.35 -24.86
C GLU A 67 8.58 6.19 -24.41
N ILE A 68 7.49 6.50 -23.74
CA ILE A 68 6.50 5.51 -23.33
C ILE A 68 5.47 5.33 -24.45
N THR A 69 5.17 4.08 -24.77
CA THR A 69 4.22 3.69 -25.79
C THR A 69 3.14 2.81 -25.18
N GLY A 70 2.08 2.63 -25.96
CA GLY A 70 0.97 1.80 -25.58
C GLY A 70 -0.16 2.56 -24.92
N ASN A 71 -1.33 1.93 -24.89
CA ASN A 71 -2.48 2.45 -24.16
C ASN A 71 -3.15 1.26 -23.51
N PRO A 72 -2.92 1.02 -22.21
CA PRO A 72 -2.22 1.89 -21.26
C PRO A 72 -0.70 1.89 -21.47
N GLY A 73 -0.06 2.99 -21.11
CA GLY A 73 1.38 3.07 -21.26
C GLY A 73 2.11 2.07 -20.39
N SER A 74 3.26 1.63 -20.89
CA SER A 74 4.02 0.58 -20.23
CA SER A 74 4.04 0.56 -20.30
C SER A 74 5.44 1.01 -19.89
N ILE A 75 5.93 0.44 -18.81
CA ILE A 75 7.32 0.56 -18.37
C ILE A 75 7.89 -0.83 -18.11
N THR A 76 9.20 -0.89 -17.94
CA THR A 76 9.89 -2.12 -17.56
C THR A 76 10.06 -2.19 -16.03
N MET A 77 10.43 -3.39 -15.56
N MET A 77 10.39 -3.40 -15.57
CA MET A 77 10.69 -3.56 -14.13
CA MET A 77 10.64 -3.58 -14.13
C MET A 77 11.85 -2.69 -13.66
C MET A 77 11.79 -2.69 -13.66
N GLU A 78 12.91 -2.58 -14.47
N GLU A 78 12.85 -2.58 -14.47
CA GLU A 78 14.02 -1.70 -14.08
CA GLU A 78 13.98 -1.73 -14.12
C GLU A 78 13.51 -0.27 -13.90
C GLU A 78 13.54 -0.28 -13.95
N GLU A 79 12.65 0.19 -14.82
CA GLU A 79 12.12 1.54 -14.73
C GLU A 79 11.21 1.72 -13.52
N ALA A 80 10.39 0.71 -13.21
CA ALA A 80 9.59 0.77 -12.01
C ALA A 80 10.45 0.89 -10.76
N THR A 81 11.57 0.16 -10.75
CA THR A 81 12.49 0.21 -9.62
C THR A 81 13.11 1.60 -9.50
N THR A 82 13.57 2.17 -10.63
CA THR A 82 14.17 3.50 -10.59
C THR A 82 13.18 4.53 -10.08
N LEU A 83 11.94 4.49 -10.56
CA LEU A 83 10.91 5.41 -10.08
C LEU A 83 10.70 5.24 -8.60
N PHE A 84 10.63 4.01 -8.12
CA PHE A 84 10.40 3.74 -6.71
C PHE A 84 11.54 4.30 -5.86
N GLU A 85 12.78 4.04 -6.26
CA GLU A 85 13.92 4.51 -5.47
C GLU A 85 13.85 6.01 -5.29
N ARG A 86 13.49 6.74 -6.34
CA ARG A 86 13.42 8.20 -6.24
C ARG A 86 12.27 8.62 -5.33
N ASP A 87 11.10 8.00 -5.51
CA ASP A 87 9.96 8.32 -4.68
C ASP A 87 10.25 8.02 -3.21
N LEU A 88 10.92 6.91 -2.94
CA LEU A 88 11.28 6.57 -1.58
C LEU A 88 12.24 7.59 -1.00
N ALA A 89 13.27 7.97 -1.78
CA ALA A 89 14.24 8.95 -1.33
C ALA A 89 13.59 10.28 -1.01
N ASP A 90 12.67 10.72 -1.86
CA ASP A 90 11.99 11.98 -1.63
C ASP A 90 11.22 11.93 -0.32
N MET A 91 10.42 10.88 -0.14
CA MET A 91 9.61 10.75 1.06
C MET A 91 10.50 10.66 2.31
N GLN A 92 11.59 9.89 2.24
CA GLN A 92 12.40 9.67 3.44
C GLN A 92 13.09 10.95 3.86
N ARG A 93 13.54 11.75 2.90
CA ARG A 93 14.12 13.05 3.24
C ARG A 93 13.09 13.95 3.90
N ASP A 94 11.91 14.05 3.29
CA ASP A 94 10.93 15.03 3.74
C ASP A 94 10.27 14.64 5.03
N ILE A 95 10.14 13.34 5.31
CA ILE A 95 9.53 12.92 6.56
C ILE A 95 10.44 13.26 7.73
N LYS A 96 11.75 13.31 7.49
CA LYS A 96 12.72 13.60 8.55
C LYS A 96 12.79 15.09 8.87
N SER A 97 12.55 15.95 7.88
CA SER A 97 12.74 17.39 8.04
C SER A 97 11.47 18.13 8.43
N HIS A 98 10.30 17.63 8.06
CA HIS A 98 9.06 18.32 8.37
C HIS A 98 8.96 18.56 9.87
N SER A 99 8.54 19.77 10.25
CA SER A 99 8.64 20.17 11.65
C SER A 99 7.65 19.47 12.58
N LYS A 100 6.61 18.84 12.03
N LYS A 100 6.61 18.84 12.03
CA LYS A 100 5.71 18.07 12.87
CA LYS A 100 5.68 18.08 12.85
C LYS A 100 6.04 16.59 12.85
C LYS A 100 6.03 16.58 12.84
N VAL A 101 6.18 16.00 11.67
CA VAL A 101 6.42 14.55 11.57
C VAL A 101 7.87 14.24 11.93
N GLY A 102 8.79 15.09 11.52
CA GLY A 102 10.21 14.82 11.64
C GLY A 102 10.66 14.52 13.05
N PRO A 103 10.29 15.35 14.02
CA PRO A 103 10.74 15.07 15.40
C PRO A 103 10.24 13.75 15.90
N VAL A 104 9.04 13.34 15.47
CA VAL A 104 8.54 12.02 15.85
C VAL A 104 9.40 10.93 15.23
N TRP A 105 9.63 11.02 13.91
CA TRP A 105 10.46 10.04 13.22
C TRP A 105 11.80 9.91 13.94
N GLN A 106 12.42 11.03 14.30
CA GLN A 106 13.74 10.97 14.94
C GLN A 106 13.70 10.24 16.28
N ALA A 107 12.58 10.30 16.99
CA ALA A 107 12.46 9.80 18.34
C ALA A 107 12.08 8.34 18.43
N VAL A 108 11.62 7.71 17.36
CA VAL A 108 11.07 6.36 17.44
C VAL A 108 11.98 5.36 16.74
N ASN A 109 11.76 4.08 17.04
CA ASN A 109 12.63 3.04 16.54
C ASN A 109 12.37 2.79 15.05
N ARG A 110 13.20 1.93 14.45
CA ARG A 110 13.11 1.79 13.00
C ARG A 110 11.76 1.22 12.59
N SER A 111 11.20 0.29 13.37
CA SER A 111 9.87 -0.22 13.02
C SER A 111 8.84 0.91 12.96
N ARG A 112 8.79 1.73 14.00
CA ARG A 112 7.83 2.84 14.01
C ARG A 112 8.12 3.86 12.93
N GLN A 113 9.39 4.07 12.60
CA GLN A 113 9.73 4.91 11.46
C GLN A 113 9.14 4.34 10.18
N MET A 114 9.26 3.04 9.97
CA MET A 114 8.70 2.41 8.78
C MET A 114 7.19 2.59 8.72
N ALA A 115 6.52 2.54 9.87
CA ALA A 115 5.07 2.81 9.89
C ALA A 115 4.78 4.22 9.37
N LEU A 116 5.50 5.20 9.89
CA LEU A 116 5.31 6.58 9.45
C LEU A 116 5.66 6.77 7.98
N GLU A 117 6.75 6.14 7.53
CA GLU A 117 7.16 6.19 6.13
C GLU A 117 6.10 5.56 5.24
N ASN A 118 5.51 4.44 5.70
CA ASN A 118 4.45 3.80 4.94
C ASN A 118 3.27 4.76 4.76
N MET A 119 2.85 5.41 5.85
CA MET A 119 1.78 6.40 5.76
C MET A 119 2.16 7.53 4.81
N ALA A 120 3.38 8.02 4.91
CA ALA A 120 3.77 9.14 4.06
C ALA A 120 3.83 8.74 2.60
N PHE A 121 4.18 7.49 2.30
CA PHE A 121 4.16 7.07 0.91
C PHE A 121 2.74 7.05 0.39
N GLN A 122 1.78 6.68 1.24
CA GLN A 122 0.37 6.59 0.86
C GLN A 122 -0.27 7.98 0.70
N MET A 123 -0.03 8.87 1.66
CA MET A 123 -0.81 10.10 1.79
CA MET A 123 -0.81 10.11 1.74
C MET A 123 0.04 11.37 1.70
N GLY A 124 1.34 11.24 1.52
CA GLY A 124 2.27 12.34 1.56
C GLY A 124 2.65 12.71 2.99
N VAL A 125 3.79 13.36 3.11
CA VAL A 125 4.24 13.83 4.42
C VAL A 125 3.23 14.81 5.00
N GLY A 126 2.67 15.69 4.15
CA GLY A 126 1.68 16.62 4.64
C GLY A 126 0.43 15.92 5.15
N GLY A 127 0.08 14.77 4.55
CA GLY A 127 -1.05 14.01 5.03
C GLY A 127 -0.80 13.42 6.40
N VAL A 128 0.41 12.89 6.63
CA VAL A 128 0.73 12.35 7.93
C VAL A 128 0.71 13.44 8.99
N ALA A 129 1.17 14.64 8.61
CA ALA A 129 1.22 15.75 9.55
C ALA A 129 -0.16 16.14 10.10
N LYS A 130 -1.23 15.75 9.43
CA LYS A 130 -2.58 16.05 9.92
C LYS A 130 -2.97 15.17 11.09
N PHE A 131 -2.20 14.12 11.37
CA PHE A 131 -2.50 13.21 12.48
C PHE A 131 -1.90 13.78 13.78
N ASN A 132 -2.44 14.94 14.16
CA ASN A 132 -1.84 15.69 15.27
CA ASN A 132 -1.84 15.70 15.27
C ASN A 132 -1.82 14.89 16.56
N THR A 133 -2.98 14.37 16.96
CA THR A 133 -3.06 13.62 18.21
C THR A 133 -2.16 12.40 18.17
N MET A 134 -2.15 11.66 17.06
CA MET A 134 -1.31 10.48 16.96
C MET A 134 0.16 10.83 17.13
N LEU A 135 0.61 11.86 16.42
CA LEU A 135 2.02 12.23 16.47
C LEU A 135 2.42 12.75 17.83
N THR A 136 1.56 13.55 18.45
CA THR A 136 1.83 14.01 19.82
C THR A 136 1.99 12.83 20.75
N ALA A 137 1.10 11.84 20.64
CA ALA A 137 1.18 10.68 21.50
C ALA A 137 2.46 9.90 21.25
N MET A 138 2.86 9.76 19.98
CA MET A 138 4.07 9.02 19.70
C MET A 138 5.28 9.71 20.30
N LEU A 139 5.34 11.03 20.19
CA LEU A 139 6.48 11.77 20.74
C LEU A 139 6.56 11.57 22.25
N ALA A 140 5.40 11.40 22.90
CA ALA A 140 5.33 11.17 24.33
C ALA A 140 5.50 9.70 24.71
N GLY A 141 5.61 8.81 23.73
CA GLY A 141 5.70 7.39 24.04
C GLY A 141 4.39 6.77 24.47
N ASP A 142 3.27 7.42 24.22
CA ASP A 142 1.96 6.89 24.64
C ASP A 142 1.41 6.09 23.47
N TRP A 143 1.89 4.85 23.37
CA TRP A 143 1.62 4.05 22.17
C TRP A 143 0.15 3.69 22.06
N GLU A 144 -0.52 3.41 23.18
CA GLU A 144 -1.93 3.08 23.12
CA GLU A 144 -1.93 3.08 23.12
C GLU A 144 -2.75 4.26 22.60
N LYS A 145 -2.46 5.47 23.08
CA LYS A 145 -3.15 6.65 22.59
C LYS A 145 -2.85 6.89 21.12
N ALA A 146 -1.60 6.68 20.69
CA ALA A 146 -1.25 6.84 19.28
C ALA A 146 -2.01 5.86 18.40
N TYR A 147 -2.07 4.60 18.83
CA TYR A 147 -2.79 3.56 18.11
C TYR A 147 -4.25 3.93 17.95
N LYS A 148 -4.88 4.33 19.06
CA LYS A 148 -6.29 4.70 18.99
CA LYS A 148 -6.29 4.72 19.02
C LYS A 148 -6.51 5.91 18.09
N ALA A 149 -5.62 6.90 18.15
CA ALA A 149 -5.77 8.06 17.30
C ALA A 149 -5.62 7.68 15.83
N GLY A 150 -4.66 6.84 15.51
CA GLY A 150 -4.49 6.43 14.14
C GLY A 150 -5.71 5.73 13.58
N ARG A 151 -6.38 4.92 14.42
CA ARG A 151 -7.58 4.22 13.97
C ARG A 151 -8.82 5.09 13.97
N ASP A 152 -8.78 6.25 14.64
CA ASP A 152 -9.89 7.20 14.63
C ASP A 152 -9.67 8.19 13.48
N SER A 153 -9.78 7.67 12.25
CA SER A 153 -9.44 8.46 11.10
C SER A 153 -10.17 7.95 9.87
N LEU A 154 -10.30 8.85 8.90
N LEU A 154 -10.32 8.86 8.90
CA LEU A 154 -10.84 8.45 7.61
CA LEU A 154 -10.85 8.44 7.60
C LEU A 154 -9.92 7.46 6.92
C LEU A 154 -9.93 7.44 6.93
N TRP A 155 -8.61 7.60 7.12
CA TRP A 155 -7.64 6.64 6.58
C TRP A 155 -7.97 5.21 7.03
N TYR A 156 -8.22 5.04 8.32
CA TYR A 156 -8.54 3.71 8.83
C TYR A 156 -9.87 3.21 8.26
N GLN A 157 -10.85 4.09 8.10
CA GLN A 157 -12.13 3.67 7.56
CA GLN A 157 -12.12 3.61 7.57
C GLN A 157 -12.03 3.26 6.10
N GLN A 158 -11.21 3.98 5.33
CA GLN A 158 -11.16 3.77 3.88
C GLN A 158 -10.20 2.69 3.43
N THR A 159 -9.03 2.61 4.08
CA THR A 159 -8.04 1.58 3.81
C THR A 159 -7.74 0.86 5.11
N LYS A 160 -8.73 0.08 5.59
CA LYS A 160 -8.69 -0.45 6.93
C LYS A 160 -7.63 -1.53 7.08
N GLY A 161 -7.40 -2.36 6.07
CA GLY A 161 -6.42 -3.41 6.22
C GLY A 161 -5.03 -2.84 6.43
N ARG A 162 -4.62 -1.96 5.53
CA ARG A 162 -3.32 -1.31 5.63
C ARG A 162 -3.21 -0.51 6.92
N ALA A 163 -4.24 0.28 7.24
CA ALA A 163 -4.17 1.08 8.46
C ALA A 163 -4.10 0.20 9.70
N SER A 164 -4.74 -0.96 9.66
CA SER A 164 -4.67 -1.88 10.79
C SER A 164 -3.25 -2.37 11.02
N ARG A 165 -2.59 -2.87 9.97
CA ARG A 165 -1.24 -3.38 10.15
C ARG A 165 -0.25 -2.27 10.46
N VAL A 166 -0.45 -1.06 9.91
CA VAL A 166 0.46 0.05 10.20
C VAL A 166 0.28 0.53 11.64
N THR A 167 -0.97 0.69 12.09
CA THR A 167 -1.18 1.11 13.47
C THR A 167 -0.67 0.07 14.47
N MET A 168 -0.74 -1.23 14.13
N MET A 168 -0.72 -1.22 14.12
CA MET A 168 -0.15 -2.22 15.03
CA MET A 168 -0.16 -2.23 15.01
C MET A 168 1.34 -1.98 15.22
C MET A 168 1.35 -2.05 15.19
N ILE A 169 2.06 -1.57 14.16
CA ILE A 169 3.47 -1.23 14.33
C ILE A 169 3.62 -0.07 15.32
N ILE A 170 2.80 0.96 15.15
CA ILE A 170 2.86 2.10 16.07
C ILE A 170 2.65 1.64 17.50
N LEU A 171 1.70 0.74 17.73
CA LEU A 171 1.43 0.25 19.08
C LEU A 171 2.61 -0.54 19.64
N THR A 172 3.15 -1.48 18.86
CA THR A 172 4.06 -2.48 19.39
C THR A 172 5.54 -2.19 19.15
N GLY A 173 5.87 -1.37 18.15
CA GLY A 173 7.26 -1.16 17.84
C GLY A 173 7.95 -2.31 17.15
N ASN A 174 7.19 -3.23 16.54
CA ASN A 174 7.76 -4.31 15.76
C ASN A 174 6.95 -4.44 14.48
N LEU A 175 7.42 -5.31 13.58
CA LEU A 175 6.73 -5.53 12.30
CA LEU A 175 6.78 -5.55 12.28
C LEU A 175 6.06 -6.90 12.25
N GLU A 176 5.65 -7.43 13.41
CA GLU A 176 4.95 -8.70 13.40
C GLU A 176 3.64 -8.62 12.62
N SER A 177 3.03 -7.45 12.54
CA SER A 177 1.81 -7.31 11.75
C SER A 177 2.07 -7.41 10.24
N TYR A 178 3.33 -7.37 9.82
CA TYR A 178 3.74 -7.66 8.45
C TYR A 178 4.43 -9.01 8.35
N GLY A 179 4.34 -9.83 9.38
CA GLY A 179 4.92 -11.16 9.32
C GLY A 179 6.40 -11.23 9.63
N VAL A 180 6.97 -10.18 10.17
CA VAL A 180 8.40 -10.12 10.50
C VAL A 180 8.54 -10.49 11.97
N GLU A 181 9.04 -11.68 12.25
CA GLU A 181 9.30 -12.03 13.65
C GLU A 181 10.59 -11.35 14.13
N GLY B 1 0.81 -15.45 -2.96
CA GLY B 1 1.21 -16.60 -3.73
C GLY B 1 1.91 -16.16 -4.99
N TYR B 2 2.56 -17.12 -5.66
CA TYR B 2 3.16 -16.86 -6.96
C TYR B 2 2.48 -17.72 -8.01
N ASP B 3 1.94 -17.07 -9.02
CA ASP B 3 1.35 -17.70 -10.18
CA ASP B 3 1.43 -17.74 -10.18
C ASP B 3 1.97 -16.97 -11.37
N LYS B 4 2.81 -17.64 -12.14
CA LYS B 4 3.57 -16.94 -13.16
CA LYS B 4 3.58 -16.93 -13.15
C LYS B 4 2.65 -16.17 -14.11
N ASP B 5 1.59 -16.82 -14.56
CA ASP B 5 0.74 -16.21 -15.56
C ASP B 5 -0.07 -15.06 -14.96
N LEU B 6 -0.64 -15.26 -13.77
CA LEU B 6 -1.42 -14.18 -13.17
C LEU B 6 -0.53 -13.04 -12.72
N CYS B 7 0.71 -13.31 -12.32
CA CYS B 7 1.59 -12.22 -11.94
C CYS B 7 1.83 -11.30 -13.14
N GLU B 8 2.27 -11.90 -14.25
CA GLU B 8 2.56 -11.12 -15.44
CA GLU B 8 2.55 -11.14 -15.46
C GLU B 8 1.32 -10.38 -15.94
N TRP B 9 0.20 -11.08 -16.02
CA TRP B 9 -1.03 -10.49 -16.52
C TRP B 9 -1.52 -9.39 -15.59
N SER B 10 -1.49 -9.61 -14.29
CA SER B 10 -2.00 -8.58 -13.38
C SER B 10 -1.16 -7.33 -13.44
N MET B 11 0.16 -7.46 -13.71
CA MET B 11 1.01 -6.29 -13.80
C MET B 11 0.76 -5.48 -15.06
N THR B 12 0.13 -6.06 -16.07
CA THR B 12 0.14 -5.47 -17.41
C THR B 12 -1.21 -5.32 -18.07
N ALA B 13 -2.23 -6.08 -17.70
CA ALA B 13 -3.49 -6.05 -18.43
C ALA B 13 -4.34 -4.83 -18.04
N ASP B 14 -5.41 -4.64 -18.78
CA ASP B 14 -6.37 -3.56 -18.52
C ASP B 14 -6.80 -3.58 -17.08
N GLN B 15 -6.81 -2.40 -16.47
CA GLN B 15 -7.16 -2.31 -15.06
C GLN B 15 -8.50 -2.99 -14.75
N THR B 16 -9.53 -2.70 -15.53
CA THR B 16 -10.84 -3.26 -15.18
C THR B 16 -10.82 -4.78 -15.16
N GLU B 17 -10.18 -5.38 -16.16
CA GLU B 17 -10.09 -6.84 -16.20
C GLU B 17 -9.30 -7.37 -15.02
N VAL B 18 -8.21 -6.70 -14.68
CA VAL B 18 -7.38 -7.17 -13.58
C VAL B 18 -8.14 -7.08 -12.26
N GLU B 19 -8.83 -5.97 -12.03
CA GLU B 19 -9.57 -5.82 -10.79
C GLU B 19 -10.70 -6.84 -10.69
N THR B 20 -11.36 -7.14 -11.81
CA THR B 20 -12.40 -8.18 -11.76
C THR B 20 -11.81 -9.51 -11.28
N GLN B 21 -10.62 -9.86 -11.79
CA GLN B 21 -9.98 -11.11 -11.41
C GLN B 21 -9.53 -11.10 -9.96
N ILE B 22 -8.88 -10.01 -9.52
CA ILE B 22 -8.46 -9.92 -8.13
C ILE B 22 -9.66 -10.06 -7.21
N GLU B 23 -10.73 -9.30 -7.50
CA GLU B 23 -11.91 -9.36 -6.66
CA GLU B 23 -11.94 -9.35 -6.69
C GLU B 23 -12.48 -10.78 -6.63
N ALA B 24 -12.55 -11.45 -7.79
CA ALA B 24 -13.09 -12.80 -7.80
C ALA B 24 -12.24 -13.73 -6.94
N ASP B 25 -10.92 -13.63 -7.04
CA ASP B 25 -10.05 -14.50 -6.26
C ASP B 25 -10.18 -14.21 -4.77
N ILE B 26 -10.26 -12.94 -4.39
CA ILE B 26 -10.47 -12.60 -2.98
C ILE B 26 -11.80 -13.14 -2.50
N MET B 27 -12.87 -12.91 -3.26
CA MET B 27 -14.18 -13.35 -2.79
CA MET B 27 -14.20 -13.35 -2.86
C MET B 27 -14.28 -14.87 -2.73
N ASN B 28 -13.56 -15.60 -3.57
CA ASN B 28 -13.55 -17.05 -3.46
CA ASN B 28 -13.54 -17.04 -3.46
C ASN B 28 -12.91 -17.49 -2.16
N ILE B 29 -11.81 -16.85 -1.76
CA ILE B 29 -11.18 -17.15 -0.49
C ILE B 29 -12.08 -16.80 0.67
N VAL B 30 -12.74 -15.64 0.61
CA VAL B 30 -13.70 -15.25 1.64
C VAL B 30 -14.79 -16.31 1.77
N LYS B 31 -15.37 -16.72 0.65
CA LYS B 31 -16.47 -17.68 0.69
CA LYS B 31 -16.47 -17.68 0.70
C LYS B 31 -16.00 -19.00 1.29
N ARG B 32 -14.80 -19.43 0.94
CA ARG B 32 -14.27 -20.69 1.45
C ARG B 32 -14.01 -20.62 2.94
N ASP B 33 -13.40 -19.54 3.41
CA ASP B 33 -12.84 -19.52 4.74
C ASP B 33 -13.65 -18.74 5.77
N ARG B 34 -14.12 -17.55 5.43
CA ARG B 34 -14.86 -16.68 6.36
CA ARG B 34 -14.85 -16.68 6.36
C ARG B 34 -16.00 -16.03 5.62
N PRO B 35 -17.01 -16.81 5.24
CA PRO B 35 -18.06 -16.28 4.35
C PRO B 35 -18.85 -15.16 4.97
N GLU B 36 -18.86 -15.08 6.30
CA GLU B 36 -19.57 -14.00 7.00
C GLU B 36 -18.96 -12.63 6.75
N MET B 37 -17.77 -12.57 6.16
CA MET B 37 -17.10 -11.31 5.94
CA MET B 37 -17.04 -11.35 5.91
C MET B 37 -17.29 -10.75 4.53
N LYS B 38 -18.12 -11.39 3.70
CA LYS B 38 -18.22 -11.00 2.30
CA LYS B 38 -18.23 -11.00 2.30
C LYS B 38 -18.51 -9.51 2.12
N ALA B 39 -19.60 -9.02 2.72
CA ALA B 39 -19.99 -7.63 2.49
C ALA B 39 -18.94 -6.66 3.02
N GLU B 40 -18.33 -6.97 4.16
CA GLU B 40 -17.30 -6.12 4.73
C GLU B 40 -16.07 -6.03 3.83
N VAL B 41 -15.65 -7.18 3.28
CA VAL B 41 -14.55 -7.19 2.32
C VAL B 41 -14.91 -6.35 1.11
N GLN B 42 -16.13 -6.52 0.58
CA GLN B 42 -16.58 -5.73 -0.58
CA GLN B 42 -16.52 -5.73 -0.59
C GLN B 42 -16.49 -4.24 -0.28
N LYS B 43 -16.93 -3.83 0.90
CA LYS B 43 -16.88 -2.42 1.25
CA LYS B 43 -16.89 -2.41 1.24
C LYS B 43 -15.46 -1.88 1.21
N GLN B 44 -14.52 -2.65 1.73
CA GLN B 44 -13.12 -2.21 1.78
C GLN B 44 -12.46 -2.25 0.39
N LEU B 45 -12.84 -3.18 -0.47
CA LEU B 45 -12.36 -3.13 -1.84
C LEU B 45 -12.86 -1.87 -2.54
N LYS B 46 -14.09 -1.46 -2.25
CA LYS B 46 -14.62 -0.26 -2.89
CA LYS B 46 -14.63 -0.26 -2.88
C LYS B 46 -13.97 1.00 -2.33
N SER B 47 -13.83 1.09 -1.01
CA SER B 47 -13.29 2.31 -0.42
C SER B 47 -11.78 2.41 -0.60
N GLY B 48 -11.09 1.29 -0.54
CA GLY B 48 -9.64 1.27 -0.47
C GLY B 48 -8.95 0.89 -1.77
N GLY B 49 -9.68 0.33 -2.72
CA GLY B 49 -9.11 -0.09 -3.98
C GLY B 49 -8.84 -1.59 -4.04
N VAL B 50 -8.60 -2.04 -5.26
CA VAL B 50 -8.41 -3.45 -5.58
C VAL B 50 -7.02 -3.74 -6.12
N MET B 51 -6.49 -2.87 -6.99
CA MET B 51 -5.30 -3.20 -7.75
CA MET B 51 -5.29 -3.19 -7.76
C MET B 51 -4.10 -3.51 -6.87
N GLN B 52 -3.99 -2.87 -5.71
CA GLN B 52 -2.79 -3.01 -4.89
C GLN B 52 -2.53 -4.44 -4.46
N TYR B 53 -3.53 -5.29 -4.42
CA TYR B 53 -3.36 -6.66 -3.95
C TYR B 53 -2.73 -7.58 -4.98
N ASN B 54 -2.42 -7.09 -6.18
CA ASN B 54 -1.89 -8.01 -7.18
C ASN B 54 -0.59 -8.65 -6.75
N TYR B 55 0.28 -7.89 -6.09
CA TYR B 55 1.61 -8.39 -5.79
C TYR B 55 1.55 -9.51 -4.78
N VAL B 56 0.87 -9.32 -3.66
CA VAL B 56 0.80 -10.39 -2.67
C VAL B 56 0.08 -11.60 -3.20
N LEU B 57 -0.98 -11.41 -4.02
CA LEU B 57 -1.78 -12.55 -4.45
C LEU B 57 -1.07 -13.39 -5.48
N TYR B 58 -0.35 -12.76 -6.40
CA TYR B 58 0.12 -13.42 -7.60
C TYR B 58 1.62 -13.39 -7.79
N CYS B 59 2.33 -12.45 -7.17
CA CYS B 59 3.74 -12.21 -7.47
C CYS B 59 4.67 -12.53 -6.31
N ASP B 60 4.16 -13.11 -5.22
CA ASP B 60 4.96 -13.32 -4.03
C ASP B 60 4.63 -14.68 -3.41
N LYS B 61 5.51 -15.66 -3.64
CA LYS B 61 5.25 -16.96 -3.02
CA LYS B 61 5.36 -16.98 -3.03
C LYS B 61 5.37 -16.91 -1.50
N ASN B 62 5.97 -15.87 -0.92
CA ASN B 62 6.08 -15.77 0.52
C ASN B 62 4.77 -15.36 1.20
N PHE B 63 3.78 -14.90 0.44
CA PHE B 63 2.49 -14.52 0.98
C PHE B 63 1.53 -15.69 0.78
N ASN B 64 0.90 -16.12 1.86
CA ASN B 64 -0.12 -17.17 1.79
C ASN B 64 -1.47 -16.51 1.53
N ASN B 65 -2.09 -16.83 0.40
CA ASN B 65 -3.30 -16.13 -0.02
C ASN B 65 -4.46 -16.28 0.94
N LYS B 66 -4.44 -17.27 1.83
CA LYS B 66 -5.48 -17.32 2.84
C LYS B 66 -5.49 -16.05 3.68
N ASN B 67 -4.35 -15.39 3.78
CA ASN B 67 -4.21 -14.18 4.57
C ASN B 67 -4.73 -12.92 3.88
N ILE B 68 -5.30 -13.06 2.69
CA ILE B 68 -5.79 -11.88 1.99
C ILE B 68 -6.98 -11.27 2.70
N ILE B 69 -7.79 -12.05 3.43
CA ILE B 69 -8.94 -11.46 4.09
C ILE B 69 -8.47 -10.43 5.11
N ALA B 70 -7.53 -10.85 5.97
CA ALA B 70 -6.95 -9.92 6.94
C ALA B 70 -6.22 -8.77 6.25
N GLU B 71 -5.59 -9.05 5.10
CA GLU B 71 -4.90 -8.00 4.37
C GLU B 71 -5.86 -6.88 4.00
N VAL B 72 -7.08 -7.23 3.60
CA VAL B 72 -8.07 -6.26 3.15
C VAL B 72 -8.77 -5.59 4.33
N VAL B 73 -9.19 -6.36 5.33
CA VAL B 73 -10.05 -5.81 6.37
C VAL B 73 -9.37 -5.53 7.69
N GLY B 74 -8.21 -6.14 7.96
N GLY B 74 -8.21 -6.13 7.95
CA GLY B 74 -7.48 -5.86 9.18
CA GLY B 74 -7.44 -5.89 9.16
C GLY B 74 -7.76 -6.79 10.33
C GLY B 74 -7.43 -7.06 10.13
N GLU B 75 -8.42 -7.93 10.08
CA GLU B 75 -8.64 -8.90 11.17
C GLU B 75 -8.88 -10.27 10.56
C2 1PG C . 10.82 -2.71 -7.41
C1 1PG C . 10.54 -1.57 -5.46
O1 1PG C . 10.13 -2.72 -6.16
O2 1PG C . 11.05 -5.05 -7.38
C3 1PG C . 10.53 -3.97 -8.15
C4 1PG C . 10.78 -6.32 -7.96
C5 1PG C . 11.48 -7.38 -7.15
O3 1PG C . 12.86 -7.05 -7.06
C6 1PG C . 13.62 -7.99 -6.31
C7 1PG C . 15.00 -7.46 -6.10
O4 1PG C . 15.73 -7.45 -7.32
C8 1PG C . 16.92 -6.66 -7.22
C9 1PG C . 18.02 -7.25 -8.04
O5 1PG C . 18.09 -6.64 -9.33
C10 1PG C . 16.95 -6.89 -10.15
C11 1PG C . 17.35 -6.82 -11.59
O6 1PG C . 18.07 -7.96 -12.02
H21 1PG C . 11.78 -2.63 -7.25
H22 1PG C . 10.53 -1.94 -7.94
H11 1PG C . 10.12 -1.55 -4.59
H12 1PG C . 10.29 -0.77 -5.97
H13 1PG C . 11.50 -1.59 -5.36
H31 1PG C . 10.97 -3.94 -9.03
H32 1PG C . 9.57 -4.07 -8.28
H41 1PG C . 11.10 -6.34 -8.89
H42 1PG C . 9.81 -6.49 -7.97
H51 1PG C . 11.37 -8.26 -7.58
H52 1PG C . 11.09 -7.43 -6.25
H61 1PG C . 13.66 -8.85 -6.79
H62 1PG C . 13.19 -8.15 -5.44
H71 1PG C . 15.48 -8.02 -5.44
H72 1PG C . 14.96 -6.55 -5.74
H81 1PG C . 17.21 -6.61 -6.28
H82 1PG C . 16.73 -5.74 -7.54
H91 1PG C . 17.85 -8.21 -8.16
H92 1PG C . 18.87 -7.13 -7.59
H101 1PG C . 16.26 -6.22 -9.96
H102 1PG C . 16.59 -7.78 -9.95
H111 1PG C . 17.90 -6.02 -11.74
H112 1PG C . 16.54 -6.73 -12.14
HO6 1PG C . 17.58 -8.64 -11.93
C1 EDO D . 14.98 1.32 3.32
C1 EDO D . 14.69 2.41 4.05
O1 EDO D . 15.22 2.35 4.23
O1 EDO D . 15.01 3.27 2.99
C2 EDO D . 14.66 0.01 3.94
C2 EDO D . 15.03 1.04 3.69
O2 EDO D . 13.78 0.17 5.03
O2 EDO D . 14.18 0.44 2.75
H11 EDO D . 15.77 1.20 2.75
H11 EDO D . 13.73 2.47 4.25
H12 EDO D . 14.23 1.58 2.74
H12 EDO D . 15.18 2.68 4.86
HO1 EDO D . 15.45 3.04 3.82
HO1 EDO D . 15.75 3.64 3.14
H21 EDO D . 15.49 -0.40 4.25
H21 EDO D . 15.04 0.50 4.50
H22 EDO D . 14.25 -0.57 3.27
H22 EDO D . 15.95 1.05 3.32
HO2 EDO D . 13.29 0.85 4.90
HO2 EDO D . 14.09 0.95 2.08
NA NA E . 14.60 6.35 6.20
NA NA F . 16.42 -0.92 -5.69
CL CL G . -8.58 13.30 -19.56
C1 EDO H . -7.12 -21.88 6.46
O1 EDO H . -8.08 -21.29 7.33
C2 EDO H . -7.44 -21.72 5.03
O2 EDO H . -6.42 -22.18 4.16
H11 EDO H . -7.06 -22.84 6.66
H12 EDO H . -6.24 -21.48 6.64
HO1 EDO H . -7.85 -21.44 8.13
H21 EDO H . -7.61 -20.76 4.85
H22 EDO H . -8.27 -22.20 4.83
HO2 EDO H . -6.28 -23.00 4.30
C1 EDO I . -15.40 -2.90 -4.84
C1 EDO I . -14.61 -3.10 -6.00
C1 EDO I . -17.50 -3.91 -5.21
O1 EDO I . -16.02 -4.05 -4.30
O1 EDO I . -15.39 -2.76 -4.87
O1 EDO I . -16.54 -3.89 -4.16
C2 EDO I . -14.84 -3.09 -6.20
C2 EDO I . -15.37 -3.10 -7.26
C2 EDO I . -16.94 -4.39 -6.49
O2 EDO I . -15.81 -3.48 -7.14
O2 EDO I . -16.39 -4.09 -7.31
O2 EDO I . -17.88 -4.51 -7.53
H11 EDO I . -14.68 -2.62 -4.24
H11 EDO I . -14.23 -4.00 -5.86
H11 EDO I . -17.85 -3.00 -5.33
H12 EDO I . -16.07 -2.18 -4.87
H12 EDO I . -13.86 -2.48 -6.07
H12 EDO I . -18.24 -4.49 -4.95
HO1 EDO I . -16.33 -3.87 -3.54
HO1 EDO I . -14.92 -2.79 -4.18
HO1 EDO I . -16.91 -3.60 -3.45
H21 EDO I . -14.14 -3.77 -6.15
H21 EDO I . -14.75 -3.25 -8.01
H21 EDO I . -16.51 -5.27 -6.34
H22 EDO I . -14.42 -2.25 -6.48
H22 EDO I . -15.78 -2.21 -7.39
H22 EDO I . -16.24 -3.77 -6.78
HO2 EDO I . -16.43 -2.91 -7.15
HO2 EDO I . -16.92 -3.98 -6.66
HO2 EDO I . -18.25 -3.78 -7.66
C1 EDO J . -5.69 -14.23 -17.45
C1 EDO J . -7.10 -14.08 -16.19
O1 EDO J . -6.78 -14.07 -16.55
O1 EDO J . -8.14 -14.87 -16.74
C2 EDO J . -4.60 -15.06 -16.89
C2 EDO J . -5.75 -14.63 -16.46
O2 EDO J . -3.54 -15.27 -17.81
O2 EDO J . -5.44 -14.71 -17.84
H11 EDO J . -5.34 -13.35 -17.68
H11 EDO J . -7.23 -14.01 -15.22
H12 EDO J . -6.03 -14.65 -18.27
H12 EDO J . -7.16 -13.18 -16.57
HO1 EDO J . -7.41 -13.65 -16.94
HO1 EDO J . -8.89 -14.51 -16.57
H21 EDO J . -4.97 -15.93 -16.64
H21 EDO J . -5.69 -15.52 -16.07
H22 EDO J . -4.26 -14.63 -16.09
H22 EDO J . -5.08 -14.06 -16.02
HO2 EDO J . -3.24 -14.52 -18.05
HO2 EDO J . -5.49 -13.94 -18.19
NA NA K . 6.34 -13.31 -13.04
#